data_4MKT
#
_entry.id   4MKT
#
_cell.length_a   76.809
_cell.length_b   87.588
_cell.length_c   100.056
_cell.angle_alpha   90.00
_cell.angle_beta   90.00
_cell.angle_gamma   90.00
#
_symmetry.space_group_name_H-M   'P 21 21 21'
#
loop_
_entity.id
_entity.type
_entity.pdbx_description
1 polymer 'Leukotriene A-4 hydrolase'
2 non-polymer 'ZINC ION'
3 non-polymer 1-{4-oxo-4-[(2S)-pyrrolidin-2-yl]butanoyl}-L-proline
4 non-polymer 4-(4-benzylphenyl)-1,3-thiazol-2-amine
5 non-polymer 'YTTERBIUM (III) ION'
6 non-polymer 'ACETIC ACID'
7 water water
#
_entity_poly.entity_id   1
_entity_poly.type   'polypeptide(L)'
_entity_poly.pdbx_seq_one_letter_code
;MPEIVDTCSLASPASVCRTKHLHLRCSVDFTRRTLTGTAALTVQSQEDNLRSLVLDTKDLTIEKVVINGQEVKYALGERQ
SYKGSPMEISLPIALSKNQEIVIEISFETSPKSSALQWLTPEQTSGKEHPYLFSQCQAIHCRAILPCQDTPSVKLTYTAE
VSVPKELVALMSAIRDGETPDPEDPSRKIYKFIQKVPIPCYLIALVVGALESRQIGPRTLVWSEKEQVEKSAYEFSETES
MLKIAEDLGGPYVWGQYDLLVLPPSFPYGGMENPCLTFVTPTLLAGDKSLSNVIAHEISHSWTGNLVTNKTWDHFWLNEG
HTVYLERHICGRLFGEKFRHFNALGGWGELQNSVKTFGETHPFTKLVVDLTDIDPDVAYSSVPYEKGFALLFYLEQLLGG
PEIFLGFLKAYVEKFSYKSITTDDWKDFLYSYFKDKVDVLNQVDWNAWLYSPGLPPIKPNYDMTLTNACIALSQRWITAK
EDDLNSFNATDLKDLSSHQLNEFLAQTLQRAPLPLGHIKRMQEVYNFNAINNSEIRFRWLRLCIQSKWEDAIPLALKMAT
EQGRMKFTRPLFKDLAAFDKSHDQAVRTYQEHKASMHPVTAMLVGKDLKVD
;
_entity_poly.pdbx_strand_id   A
#
# COMPACT_ATOMS: atom_id res chain seq x y z
N ILE A 4 -22.79 7.77 9.11
CA ILE A 4 -21.57 7.17 8.44
C ILE A 4 -21.79 5.72 8.03
N VAL A 5 -21.77 5.43 6.72
CA VAL A 5 -22.00 4.06 6.25
C VAL A 5 -20.75 3.54 5.53
N ASP A 6 -20.31 2.32 5.88
CA ASP A 6 -19.24 1.64 5.08
C ASP A 6 -19.87 0.95 3.85
N THR A 7 -19.89 1.68 2.76
CA THR A 7 -20.45 1.21 1.49
C THR A 7 -19.61 0.15 0.74
N CYS A 8 -18.48 -0.28 1.32
CA CYS A 8 -17.68 -1.31 0.73
C CYS A 8 -17.83 -2.66 1.46
N SER A 9 -18.59 -2.70 2.58
CA SER A 9 -18.78 -3.90 3.35
C SER A 9 -20.25 -4.32 3.35
N LEU A 10 -20.45 -5.62 3.27
CA LEU A 10 -21.77 -6.24 3.41
C LEU A 10 -22.11 -6.72 4.79
N ALA A 11 -21.15 -6.56 5.71
CA ALA A 11 -21.28 -7.17 7.01
C ALA A 11 -22.14 -6.32 7.89
N SER A 12 -22.59 -6.91 9.01
CA SER A 12 -23.17 -6.14 10.12
C SER A 12 -22.23 -5.05 10.58
N PRO A 13 -22.76 -3.85 10.69
CA PRO A 13 -21.91 -2.78 11.12
C PRO A 13 -21.58 -2.80 12.57
N ALA A 14 -20.65 -1.93 12.96
CA ALA A 14 -20.18 -1.87 14.33
C ALA A 14 -21.30 -1.49 15.37
N SER A 15 -22.35 -0.82 14.90
CA SER A 15 -23.47 -0.50 15.71
C SER A 15 -24.31 -1.74 16.05
N VAL A 16 -24.17 -2.88 15.33
CA VAL A 16 -24.89 -4.06 15.60
C VAL A 16 -24.06 -5.02 16.46
N CYS A 17 -22.82 -5.26 16.06
CA CYS A 17 -21.93 -6.16 16.76
C CYS A 17 -20.49 -5.81 16.35
N ARG A 18 -19.54 -6.25 17.15
CA ARG A 18 -18.13 -5.95 16.89
CA ARG A 18 -18.12 -5.95 16.90
C ARG A 18 -17.27 -7.17 17.18
N THR A 19 -16.41 -7.50 16.24
CA THR A 19 -15.44 -8.57 16.43
C THR A 19 -14.37 -8.03 17.36
N LYS A 20 -14.11 -8.74 18.47
CA LYS A 20 -13.06 -8.39 19.38
CA LYS A 20 -13.06 -8.39 19.39
C LYS A 20 -11.72 -9.13 19.17
N HIS A 21 -11.79 -10.29 18.61
CA HIS A 21 -10.66 -11.21 18.52
C HIS A 21 -10.88 -12.20 17.46
N LEU A 22 -9.79 -12.57 16.83
CA LEU A 22 -9.77 -13.65 15.85
C LEU A 22 -8.72 -14.69 16.29
N HIS A 23 -9.09 -15.99 16.37
CA HIS A 23 -8.13 -17.07 16.51
C HIS A 23 -8.14 -17.91 15.26
N LEU A 24 -7.10 -17.77 14.44
CA LEU A 24 -7.02 -18.40 13.14
C LEU A 24 -6.15 -19.64 13.22
N ARG A 25 -6.67 -20.76 12.70
CA ARG A 25 -5.86 -22.00 12.60
C ARG A 25 -5.95 -22.40 11.20
N CYS A 26 -4.84 -22.44 10.46
CA CYS A 26 -5.00 -22.75 9.04
C CYS A 26 -3.77 -23.50 8.49
N SER A 27 -3.93 -24.05 7.33
CA SER A 27 -2.93 -24.81 6.62
C SER A 27 -2.84 -24.30 5.22
N VAL A 28 -1.60 -24.12 4.78
CA VAL A 28 -1.33 -23.67 3.45
C VAL A 28 -1.00 -24.82 2.53
N ASP A 29 -1.86 -25.05 1.55
CA ASP A 29 -1.67 -26.14 0.58
CA ASP A 29 -1.75 -26.12 0.57
C ASP A 29 -1.27 -25.63 -0.83
N PHE A 30 0.00 -25.75 -1.13
CA PHE A 30 0.54 -25.29 -2.40
C PHE A 30 0.11 -26.14 -3.63
N THR A 31 -0.23 -27.40 -3.39
CA THR A 31 -0.75 -28.23 -4.49
C THR A 31 -2.07 -27.75 -5.00
N ARG A 32 -2.95 -27.31 -4.08
CA ARG A 32 -4.32 -26.92 -4.40
CA ARG A 32 -4.29 -26.92 -4.43
C ARG A 32 -4.44 -25.38 -4.49
N ARG A 33 -3.39 -24.69 -4.06
CA ARG A 33 -3.41 -23.21 -3.91
CA ARG A 33 -3.44 -23.20 -3.96
C ARG A 33 -4.61 -22.74 -3.06
N THR A 34 -4.71 -23.36 -1.88
CA THR A 34 -5.79 -23.05 -0.92
C THR A 34 -5.26 -22.92 0.47
N LEU A 35 -5.88 -22.00 1.23
CA LEU A 35 -5.74 -21.96 2.66
C LEU A 35 -7.01 -22.56 3.26
N THR A 36 -6.85 -23.55 4.12
CA THR A 36 -7.95 -24.26 4.74
CA THR A 36 -7.97 -24.24 4.77
C THR A 36 -7.85 -24.07 6.24
N GLY A 37 -8.96 -23.87 6.94
CA GLY A 37 -8.82 -23.63 8.31
C GLY A 37 -10.11 -23.32 9.05
N THR A 38 -9.87 -22.89 10.26
CA THR A 38 -10.92 -22.39 11.07
C THR A 38 -10.58 -20.94 11.57
N ALA A 39 -11.55 -20.09 11.35
CA ALA A 39 -11.55 -18.72 11.92
C ALA A 39 -12.54 -18.67 13.07
N ALA A 40 -12.03 -18.44 14.28
CA ALA A 40 -12.88 -18.33 15.48
C ALA A 40 -12.93 -16.85 15.81
N LEU A 41 -14.10 -16.26 15.61
CA LEU A 41 -14.38 -14.86 15.92
C LEU A 41 -15.07 -14.74 17.21
N THR A 42 -14.48 -13.94 18.11
CA THR A 42 -15.15 -13.51 19.32
C THR A 42 -15.90 -12.22 19.01
N VAL A 43 -17.23 -12.27 19.07
CA VAL A 43 -18.04 -11.17 18.62
C VAL A 43 -18.85 -10.65 19.83
N GLN A 44 -18.83 -9.35 20.03
CA GLN A 44 -19.57 -8.69 21.11
C GLN A 44 -20.80 -8.01 20.55
N SER A 45 -21.97 -8.34 21.09
CA SER A 45 -23.17 -7.68 20.64
C SER A 45 -23.21 -6.21 21.07
N GLN A 46 -23.67 -5.30 20.20
CA GLN A 46 -23.90 -3.92 20.58
C GLN A 46 -25.34 -3.61 20.64
N GLU A 47 -26.20 -4.62 20.60
CA GLU A 47 -27.63 -4.39 20.66
CA GLU A 47 -27.59 -4.32 20.79
C GLU A 47 -28.31 -5.43 21.56
N ASP A 48 -29.50 -5.07 22.00
CA ASP A 48 -30.31 -6.01 22.77
C ASP A 48 -30.89 -7.05 21.80
N ASN A 49 -31.05 -8.29 22.23
CA ASN A 49 -31.78 -9.32 21.51
C ASN A 49 -31.20 -9.62 20.13
N LEU A 50 -29.87 -9.82 20.06
CA LEU A 50 -29.23 -10.06 18.78
C LEU A 50 -29.29 -11.51 18.50
N ARG A 51 -29.84 -11.84 17.32
CA ARG A 51 -30.06 -13.24 16.95
C ARG A 51 -29.45 -13.73 15.64
N SER A 52 -28.90 -12.79 14.89
CA SER A 52 -28.16 -13.15 13.72
C SER A 52 -27.18 -12.00 13.37
N LEU A 53 -26.19 -12.35 12.54
CA LEU A 53 -25.32 -11.31 12.00
C LEU A 53 -24.80 -11.71 10.66
N VAL A 54 -24.15 -10.75 10.00
CA VAL A 54 -23.74 -10.94 8.64
C VAL A 54 -22.23 -10.67 8.55
N LEU A 55 -21.52 -11.56 7.87
CA LEU A 55 -20.08 -11.33 7.60
C LEU A 55 -19.83 -11.19 6.10
N ASP A 56 -18.71 -10.56 5.76
CA ASP A 56 -18.13 -10.46 4.45
C ASP A 56 -17.41 -11.71 4.09
N THR A 57 -17.61 -12.11 2.84
CA THR A 57 -16.74 -13.14 2.30
C THR A 57 -16.50 -12.86 0.79
N LYS A 58 -15.46 -13.47 0.23
CA LYS A 58 -15.30 -13.31 -1.24
C LYS A 58 -14.62 -14.61 -1.73
N ASP A 59 -15.37 -15.38 -2.53
CA ASP A 59 -14.87 -16.66 -3.16
C ASP A 59 -14.39 -17.65 -2.07
N LEU A 60 -15.09 -17.70 -0.92
CA LEU A 60 -14.74 -18.63 0.13
C LEU A 60 -15.71 -19.79 0.09
N THR A 61 -15.15 -20.93 0.32
CA THR A 61 -15.92 -22.19 0.57
C THR A 61 -16.14 -22.39 2.07
N ILE A 62 -17.41 -22.47 2.49
CA ILE A 62 -17.73 -22.61 3.91
C ILE A 62 -18.10 -24.05 4.15
N GLU A 63 -17.41 -24.70 5.08
CA GLU A 63 -17.66 -26.11 5.45
CA GLU A 63 -17.68 -26.09 5.40
C GLU A 63 -18.72 -26.22 6.54
N LYS A 64 -18.60 -25.45 7.59
CA LYS A 64 -19.56 -25.42 8.65
C LYS A 64 -19.32 -24.18 9.57
N VAL A 65 -20.29 -23.91 10.44
CA VAL A 65 -20.16 -22.90 11.46
C VAL A 65 -20.57 -23.54 12.75
N VAL A 66 -19.73 -23.39 13.75
CA VAL A 66 -19.93 -24.04 15.02
C VAL A 66 -19.92 -22.97 16.14
N ILE A 67 -20.93 -23.02 17.03
CA ILE A 67 -21.07 -22.15 18.20
C ILE A 67 -21.43 -23.06 19.41
N ASN A 68 -20.71 -22.93 20.51
CA ASN A 68 -21.06 -23.65 21.77
C ASN A 68 -21.06 -25.16 21.44
N GLY A 69 -20.10 -25.62 20.65
CA GLY A 69 -19.94 -27.00 20.24
C GLY A 69 -20.95 -27.65 19.29
N GLN A 70 -21.91 -26.90 18.76
CA GLN A 70 -22.83 -27.39 17.74
CA GLN A 70 -22.84 -27.38 17.75
C GLN A 70 -22.83 -26.57 16.46
N GLU A 71 -23.16 -27.23 15.37
CA GLU A 71 -23.28 -26.60 14.08
C GLU A 71 -24.51 -25.75 14.09
N VAL A 72 -24.42 -24.61 13.41
CA VAL A 72 -25.48 -23.64 13.33
C VAL A 72 -25.83 -23.39 11.91
N LYS A 73 -26.99 -22.78 11.71
CA LYS A 73 -27.40 -22.48 10.36
CA LYS A 73 -27.47 -22.43 10.40
C LYS A 73 -26.74 -21.19 9.87
N TYR A 74 -26.46 -21.14 8.57
CA TYR A 74 -25.93 -19.97 7.93
C TYR A 74 -26.36 -19.93 6.50
N ALA A 75 -26.35 -18.78 5.88
CA ALA A 75 -26.62 -18.69 4.46
C ALA A 75 -25.64 -17.74 3.77
N LEU A 76 -25.13 -18.15 2.63
CA LEU A 76 -24.40 -17.22 1.70
C LEU A 76 -25.37 -16.54 0.74
N GLY A 77 -25.40 -15.24 0.74
CA GLY A 77 -26.11 -14.44 -0.24
C GLY A 77 -25.48 -14.51 -1.64
N GLU A 78 -26.22 -14.00 -2.62
CA GLU A 78 -25.69 -13.94 -3.98
CA GLU A 78 -25.74 -13.89 -3.98
C GLU A 78 -24.53 -12.95 -4.04
N ARG A 79 -23.60 -13.27 -4.93
CA ARG A 79 -22.42 -12.44 -5.10
CA ARG A 79 -22.40 -12.46 -5.17
C ARG A 79 -22.75 -11.04 -5.59
N GLN A 80 -22.06 -10.04 -5.03
CA GLN A 80 -22.22 -8.65 -5.38
C GLN A 80 -20.90 -8.13 -5.91
N SER A 81 -20.54 -8.71 -7.07
CA SER A 81 -19.28 -8.43 -7.77
CA SER A 81 -19.31 -8.33 -7.76
C SER A 81 -18.11 -8.32 -6.80
N TYR A 82 -17.36 -7.22 -6.84
CA TYR A 82 -16.12 -7.13 -6.12
C TYR A 82 -16.32 -7.11 -4.58
N LYS A 83 -17.55 -6.92 -4.11
CA LYS A 83 -17.83 -6.90 -2.66
CA LYS A 83 -17.82 -6.91 -2.66
C LYS A 83 -17.90 -8.36 -2.11
N GLY A 84 -18.09 -9.34 -3.02
CA GLY A 84 -18.20 -10.74 -2.61
C GLY A 84 -19.64 -11.12 -2.20
N SER A 85 -19.76 -12.04 -1.25
CA SER A 85 -21.06 -12.61 -0.86
C SER A 85 -21.27 -12.48 0.66
N PRO A 86 -22.38 -11.87 1.11
CA PRO A 86 -22.71 -11.73 2.54
C PRO A 86 -23.03 -13.11 3.11
N MET A 87 -22.50 -13.37 4.29
CA MET A 87 -22.73 -14.64 4.94
C MET A 87 -23.57 -14.36 6.22
N GLU A 88 -24.83 -14.81 6.27
CA GLU A 88 -25.69 -14.60 7.44
C GLU A 88 -25.60 -15.79 8.36
N ILE A 89 -25.39 -15.53 9.62
CA ILE A 89 -25.22 -16.60 10.61
C ILE A 89 -26.33 -16.46 11.65
N SER A 90 -27.04 -17.56 11.91
CA SER A 90 -28.14 -17.58 12.89
C SER A 90 -27.61 -18.03 14.26
N LEU A 91 -27.72 -17.16 15.24
CA LEU A 91 -27.11 -17.49 16.50
C LEU A 91 -28.02 -18.46 17.27
N PRO A 92 -27.43 -19.41 18.02
CA PRO A 92 -28.29 -20.39 18.76
C PRO A 92 -29.07 -19.79 19.92
N ILE A 93 -28.55 -18.71 20.54
CA ILE A 93 -29.23 -18.03 21.62
C ILE A 93 -29.12 -16.52 21.40
N ALA A 94 -30.19 -15.79 21.64
CA ALA A 94 -30.20 -14.36 21.58
C ALA A 94 -29.25 -13.72 22.57
N LEU A 95 -28.44 -12.71 22.14
CA LEU A 95 -27.54 -11.93 22.98
C LEU A 95 -28.04 -10.63 23.44
N SER A 96 -27.71 -10.31 24.70
CA SER A 96 -27.91 -8.98 25.22
CA SER A 96 -27.92 -8.97 25.19
C SER A 96 -26.72 -8.08 24.85
N LYS A 97 -26.88 -6.82 25.06
CA LYS A 97 -25.84 -5.86 24.71
C LYS A 97 -24.61 -6.13 25.56
N ASN A 98 -23.46 -6.17 24.89
CA ASN A 98 -22.14 -6.43 25.44
C ASN A 98 -21.85 -7.86 25.72
N GLN A 99 -22.82 -8.78 25.46
CA GLN A 99 -22.54 -10.20 25.58
CA GLN A 99 -22.45 -10.18 25.62
C GLN A 99 -21.63 -10.62 24.43
N GLU A 100 -20.78 -11.61 24.66
CA GLU A 100 -19.83 -12.10 23.68
C GLU A 100 -20.10 -13.54 23.42
N ILE A 101 -19.84 -13.96 22.22
CA ILE A 101 -19.81 -15.34 21.87
C ILE A 101 -18.67 -15.60 20.91
N VAL A 102 -18.24 -16.86 20.85
CA VAL A 102 -17.21 -17.29 19.84
C VAL A 102 -17.84 -18.08 18.70
N ILE A 103 -17.64 -17.64 17.46
CA ILE A 103 -18.19 -18.32 16.32
C ILE A 103 -17.02 -18.91 15.55
N GLU A 104 -17.04 -20.23 15.38
CA GLU A 104 -15.96 -20.92 14.70
CA GLU A 104 -15.96 -20.91 14.70
C GLU A 104 -16.35 -21.33 13.31
N ILE A 105 -15.73 -20.71 12.33
CA ILE A 105 -16.09 -20.96 10.92
C ILE A 105 -15.03 -21.74 10.20
N SER A 106 -15.37 -22.90 9.63
CA SER A 106 -14.43 -23.71 8.89
C SER A 106 -14.55 -23.37 7.42
N PHE A 107 -13.42 -23.04 6.77
CA PHE A 107 -13.48 -22.43 5.44
C PHE A 107 -12.26 -22.91 4.61
N GLU A 108 -12.34 -22.63 3.34
CA GLU A 108 -11.24 -22.81 2.40
CA GLU A 108 -11.26 -22.83 2.33
C GLU A 108 -11.24 -21.68 1.35
N THR A 109 -10.07 -21.17 1.04
CA THR A 109 -10.00 -20.16 0.09
C THR A 109 -10.07 -20.73 -1.33
N SER A 110 -10.38 -19.83 -2.25
CA SER A 110 -10.23 -20.05 -3.71
C SER A 110 -8.80 -19.81 -4.17
N PRO A 111 -8.30 -20.65 -5.11
CA PRO A 111 -7.06 -20.35 -5.80
C PRO A 111 -7.00 -18.99 -6.45
N LYS A 112 -8.15 -18.43 -6.81
CA LYS A 112 -8.22 -17.14 -7.44
C LYS A 112 -8.52 -16.01 -6.47
N SER A 113 -8.30 -16.32 -5.17
CA SER A 113 -8.50 -15.34 -4.10
C SER A 113 -7.86 -13.98 -4.48
N SER A 114 -8.63 -12.91 -4.35
CA SER A 114 -8.23 -11.58 -4.68
CA SER A 114 -8.13 -11.61 -4.74
C SER A 114 -7.13 -11.04 -3.69
N ALA A 115 -6.99 -11.73 -2.55
CA ALA A 115 -6.04 -11.33 -1.50
C ALA A 115 -4.65 -11.87 -1.77
N LEU A 116 -4.54 -12.97 -2.56
CA LEU A 116 -3.38 -13.78 -2.53
C LEU A 116 -2.67 -13.85 -3.89
N GLN A 117 -1.34 -14.00 -3.85
CA GLN A 117 -0.59 -14.43 -5.01
C GLN A 117 0.15 -15.67 -4.60
N TRP A 118 -0.08 -16.69 -5.43
CA TRP A 118 0.68 -17.95 -5.35
C TRP A 118 1.75 -18.07 -6.44
N LEU A 119 3.00 -18.26 -6.03
CA LEU A 119 4.13 -18.30 -6.93
C LEU A 119 4.74 -19.70 -6.98
N THR A 120 5.00 -20.15 -8.23
CA THR A 120 5.69 -21.40 -8.45
C THR A 120 7.16 -21.22 -8.15
N PRO A 121 7.91 -22.33 -7.98
CA PRO A 121 9.35 -22.15 -7.78
C PRO A 121 10.06 -21.26 -8.80
N GLU A 122 9.70 -21.39 -10.08
CA GLU A 122 10.39 -20.63 -11.13
CA GLU A 122 10.36 -20.63 -11.14
C GLU A 122 10.17 -19.11 -11.01
N GLN A 123 9.10 -18.72 -10.30
CA GLN A 123 8.81 -17.35 -10.08
C GLN A 123 9.56 -16.73 -8.94
N THR A 124 10.33 -17.49 -8.21
CA THR A 124 11.01 -17.01 -7.02
C THR A 124 12.49 -16.77 -7.27
N SER A 125 13.21 -16.24 -6.29
CA SER A 125 14.63 -16.07 -6.51
C SER A 125 15.40 -17.40 -6.58
N GLY A 126 15.03 -18.31 -5.71
CA GLY A 126 15.88 -19.48 -5.42
C GLY A 126 15.58 -20.67 -6.29
N LYS A 127 14.39 -20.68 -6.87
CA LYS A 127 13.94 -21.59 -7.92
C LYS A 127 13.62 -23.00 -7.47
N GLU A 128 13.61 -23.26 -6.17
CA GLU A 128 13.40 -24.57 -5.59
C GLU A 128 12.21 -24.70 -4.73
N HIS A 129 11.51 -23.59 -4.42
CA HIS A 129 10.42 -23.66 -3.47
C HIS A 129 9.37 -22.62 -3.93
N PRO A 130 8.09 -22.90 -3.66
CA PRO A 130 7.00 -21.97 -4.05
C PRO A 130 6.91 -20.86 -2.99
N TYR A 131 5.97 -19.97 -3.17
CA TYR A 131 5.88 -18.76 -2.29
C TYR A 131 4.45 -18.25 -2.35
N LEU A 132 3.98 -17.76 -1.21
CA LEU A 132 2.65 -17.15 -1.07
C LEU A 132 2.73 -15.84 -0.37
N PHE A 133 1.99 -14.81 -0.81
CA PHE A 133 1.82 -13.66 0.04
C PHE A 133 0.43 -13.08 -0.10
N SER A 134 0.05 -12.33 0.93
CA SER A 134 -1.29 -11.70 0.98
C SER A 134 -1.19 -10.17 0.82
N GLN A 135 -2.28 -9.61 0.43
CA GLN A 135 -2.41 -8.13 0.37
C GLN A 135 -3.91 -7.79 0.64
N CYS A 136 -4.24 -7.49 1.92
CA CYS A 136 -5.64 -7.41 2.30
C CYS A 136 -6.23 -6.04 2.04
N GLN A 137 -5.41 -5.01 2.15
CA GLN A 137 -5.94 -3.64 1.98
CA GLN A 137 -5.94 -3.64 1.98
C GLN A 137 -6.33 -3.50 0.51
N ALA A 138 -7.50 -2.90 0.21
CA ALA A 138 -8.51 -2.39 1.14
C ALA A 138 -9.45 -3.42 1.71
N ILE A 139 -10.12 -4.19 0.83
CA ILE A 139 -11.25 -5.07 1.20
C ILE A 139 -10.99 -6.49 0.72
N HIS A 140 -9.75 -6.92 0.77
CA HIS A 140 -9.48 -8.29 0.44
C HIS A 140 -9.35 -9.24 1.62
N CYS A 141 -9.41 -8.80 2.87
CA CYS A 141 -9.41 -9.78 3.99
C CYS A 141 -10.54 -10.84 3.80
N ARG A 142 -11.66 -10.37 3.31
CA ARG A 142 -12.82 -11.23 3.09
C ARG A 142 -12.55 -12.35 2.09
N ALA A 143 -11.49 -12.18 1.27
CA ALA A 143 -11.10 -13.23 0.30
C ALA A 143 -10.14 -14.21 0.94
N ILE A 144 -9.84 -14.10 2.23
CA ILE A 144 -9.02 -15.09 2.96
C ILE A 144 -9.89 -15.77 4.05
N LEU A 145 -10.66 -14.97 4.81
CA LEU A 145 -11.47 -15.47 5.89
C LEU A 145 -12.75 -14.64 6.09
N PRO A 146 -13.81 -15.23 6.64
CA PRO A 146 -15.03 -14.43 6.83
C PRO A 146 -14.84 -13.46 7.95
N CYS A 147 -15.32 -12.24 7.76
CA CYS A 147 -15.06 -11.18 8.72
C CYS A 147 -15.96 -9.99 8.49
N GLN A 148 -15.94 -9.08 9.45
CA GLN A 148 -16.51 -7.77 9.27
C GLN A 148 -15.41 -6.96 8.58
N ASP A 149 -15.44 -6.91 7.25
CA ASP A 149 -14.29 -6.43 6.48
C ASP A 149 -14.50 -4.93 6.26
N THR A 150 -14.27 -4.23 7.38
CA THR A 150 -14.45 -2.78 7.51
C THR A 150 -13.43 -2.21 8.52
N PRO A 151 -12.77 -1.09 8.20
CA PRO A 151 -11.74 -0.57 9.09
C PRO A 151 -12.35 0.12 10.31
N SER A 152 -13.71 0.13 10.38
CA SER A 152 -14.44 0.65 11.58
C SER A 152 -14.46 -0.28 12.75
N VAL A 153 -13.99 -1.53 12.53
CA VAL A 153 -13.91 -2.54 13.56
C VAL A 153 -12.43 -2.92 13.78
N LYS A 154 -11.99 -2.99 15.06
CA LYS A 154 -10.64 -3.42 15.39
C LYS A 154 -10.60 -4.57 16.35
N LEU A 155 -9.74 -5.55 16.05
CA LEU A 155 -9.66 -6.72 16.86
C LEU A 155 -8.22 -7.15 17.08
N THR A 156 -8.01 -7.94 18.10
CA THR A 156 -6.72 -8.64 18.27
C THR A 156 -6.79 -9.96 17.60
N TYR A 157 -5.61 -10.57 17.43
CA TYR A 157 -5.58 -11.89 16.82
C TYR A 157 -4.46 -12.76 17.30
N THR A 158 -4.72 -14.09 17.26
CA THR A 158 -3.70 -15.08 17.37
C THR A 158 -3.85 -16.06 16.19
N ALA A 159 -2.75 -16.63 15.75
CA ALA A 159 -2.87 -17.56 14.60
C ALA A 159 -1.82 -18.67 14.73
N GLU A 160 -2.17 -19.83 14.23
CA GLU A 160 -1.27 -20.92 14.05
C GLU A 160 -1.43 -21.41 12.62
N VAL A 161 -0.32 -21.40 11.89
CA VAL A 161 -0.28 -21.66 10.45
C VAL A 161 0.59 -22.89 10.14
N SER A 162 -0.01 -23.88 9.46
CA SER A 162 0.75 -25.11 9.09
C SER A 162 1.25 -24.96 7.67
N VAL A 163 2.55 -25.17 7.51
CA VAL A 163 3.21 -25.10 6.21
C VAL A 163 4.13 -26.31 5.98
N PRO A 164 4.49 -26.56 4.72
CA PRO A 164 5.61 -27.49 4.43
C PRO A 164 6.82 -27.12 5.24
N LYS A 165 7.41 -28.10 5.93
CA LYS A 165 8.40 -27.80 6.94
C LYS A 165 9.69 -27.14 6.42
N GLU A 166 9.91 -27.17 5.11
CA GLU A 166 11.07 -26.53 4.47
CA GLU A 166 11.07 -26.54 4.47
C GLU A 166 10.85 -25.02 4.34
N LEU A 167 9.61 -24.60 4.57
CA LEU A 167 9.23 -23.18 4.44
C LEU A 167 9.03 -22.48 5.75
N VAL A 168 8.91 -21.15 5.66
CA VAL A 168 8.72 -20.31 6.84
C VAL A 168 7.43 -19.47 6.60
N ALA A 169 6.63 -19.33 7.63
CA ALA A 169 5.47 -18.43 7.62
C ALA A 169 5.82 -17.24 8.50
N LEU A 170 5.33 -16.08 8.06
CA LEU A 170 5.37 -14.84 8.90
C LEU A 170 4.02 -14.13 8.71
N MET A 171 3.65 -13.40 9.74
CA MET A 171 2.38 -12.63 9.78
C MET A 171 2.60 -11.24 10.35
N SER A 172 1.55 -10.39 10.34
CA SER A 172 1.52 -9.07 10.91
C SER A 172 1.28 -9.15 12.41
N ALA A 173 2.29 -9.70 13.11
CA ALA A 173 2.14 -10.17 14.49
C ALA A 173 3.48 -10.56 15.02
N ILE A 174 3.54 -10.70 16.34
CA ILE A 174 4.78 -11.13 17.02
C ILE A 174 4.89 -12.66 16.88
N ARG A 175 6.06 -13.13 16.49
CA ARG A 175 6.36 -14.55 16.35
CA ARG A 175 6.32 -14.56 16.34
C ARG A 175 6.31 -15.16 17.74
N ASP A 176 5.68 -16.30 17.84
CA ASP A 176 5.43 -16.93 19.15
CA ASP A 176 5.45 -16.93 19.15
C ASP A 176 5.80 -18.41 19.10
N GLY A 177 6.71 -18.77 18.21
CA GLY A 177 7.29 -20.11 18.18
C GLY A 177 6.92 -20.96 16.99
N GLU A 178 7.60 -22.11 16.85
CA GLU A 178 7.40 -22.98 15.74
C GLU A 178 7.50 -24.41 16.32
N THR A 179 6.70 -25.33 15.82
CA THR A 179 6.81 -26.73 16.22
C THR A 179 6.50 -27.64 15.04
N PRO A 180 6.90 -28.94 15.13
CA PRO A 180 6.36 -29.79 14.08
C PRO A 180 4.86 -29.86 14.17
N ASP A 181 4.21 -30.06 13.05
CA ASP A 181 2.78 -30.19 13.00
C ASP A 181 2.52 -31.59 13.60
N PRO A 182 1.90 -31.65 14.77
CA PRO A 182 1.67 -32.96 15.39
C PRO A 182 0.72 -33.89 14.58
N GLU A 183 0.08 -33.40 13.53
CA GLU A 183 -0.81 -34.23 12.74
C GLU A 183 -0.25 -34.55 11.37
N ASP A 184 0.94 -34.06 11.08
CA ASP A 184 1.61 -34.28 9.83
C ASP A 184 3.12 -33.92 9.87
N PRO A 185 4.02 -34.93 9.85
CA PRO A 185 5.44 -34.59 10.06
C PRO A 185 6.17 -34.00 8.85
N SER A 186 5.54 -33.85 7.69
CA SER A 186 6.12 -33.13 6.59
C SER A 186 5.87 -31.58 6.79
N ARG A 187 5.23 -31.23 7.88
CA ARG A 187 4.78 -29.81 8.07
C ARG A 187 5.21 -29.25 9.39
N LYS A 188 5.21 -27.89 9.45
CA LYS A 188 5.58 -27.15 10.62
CA LYS A 188 5.51 -27.23 10.67
C LYS A 188 4.44 -26.22 10.94
N ILE A 189 4.25 -25.97 12.22
CA ILE A 189 3.29 -24.96 12.68
C ILE A 189 4.05 -23.78 13.27
N TYR A 190 3.76 -22.61 12.69
CA TYR A 190 4.28 -21.37 13.11
C TYR A 190 3.11 -20.59 13.82
N LYS A 191 3.43 -20.03 14.97
CA LYS A 191 2.50 -19.36 15.86
C LYS A 191 2.74 -17.84 15.88
N PHE A 192 1.64 -17.13 16.04
CA PHE A 192 1.65 -15.64 16.07
C PHE A 192 0.69 -15.04 17.03
N ILE A 193 1.07 -13.88 17.63
CA ILE A 193 0.22 -13.12 18.51
CA ILE A 193 0.15 -13.12 18.41
C ILE A 193 0.23 -11.61 18.14
N GLN A 194 -0.94 -11.03 17.92
CA GLN A 194 -1.13 -9.59 17.74
C GLN A 194 -1.98 -9.07 18.89
N LYS A 195 -1.35 -8.49 19.90
CA LYS A 195 -2.02 -8.05 21.12
CA LYS A 195 -2.12 -8.11 21.07
C LYS A 195 -2.61 -6.64 21.03
N VAL A 196 -2.27 -5.89 20.00
CA VAL A 196 -2.85 -4.51 19.79
C VAL A 196 -4.01 -4.61 18.82
N PRO A 197 -5.15 -3.95 19.14
CA PRO A 197 -6.26 -4.15 18.23
C PRO A 197 -5.98 -3.51 16.87
N ILE A 198 -6.42 -4.13 15.83
CA ILE A 198 -6.22 -3.67 14.48
C ILE A 198 -7.42 -3.89 13.57
N PRO A 199 -7.56 -2.98 12.57
CA PRO A 199 -8.54 -3.29 11.52
C PRO A 199 -8.09 -4.50 10.76
N CYS A 200 -9.09 -5.25 10.19
CA CYS A 200 -8.76 -6.51 9.53
C CYS A 200 -7.92 -6.38 8.22
N TYR A 201 -7.86 -5.19 7.64
CA TYR A 201 -7.02 -4.98 6.46
C TYR A 201 -5.53 -5.16 6.70
N LEU A 202 -5.17 -5.12 7.98
CA LEU A 202 -3.78 -5.21 8.44
C LEU A 202 -3.35 -6.64 8.73
N ILE A 203 -4.26 -7.61 8.56
CA ILE A 203 -3.89 -9.01 8.67
C ILE A 203 -3.03 -9.37 7.43
N ALA A 204 -1.92 -10.09 7.61
CA ALA A 204 -1.08 -10.42 6.50
C ALA A 204 -0.34 -11.70 6.77
N LEU A 205 -0.02 -12.41 5.71
CA LEU A 205 0.60 -13.71 5.73
C LEU A 205 1.58 -13.82 4.55
N VAL A 206 2.74 -14.38 4.81
CA VAL A 206 3.66 -14.77 3.76
C VAL A 206 4.18 -16.18 4.09
N VAL A 207 4.40 -17.01 3.05
CA VAL A 207 4.97 -18.31 3.27
C VAL A 207 6.02 -18.51 2.17
N GLY A 208 7.25 -18.82 2.55
CA GLY A 208 8.31 -19.05 1.52
C GLY A 208 9.61 -19.48 2.15
N ALA A 209 10.61 -19.59 1.27
CA ALA A 209 11.96 -19.89 1.74
C ALA A 209 12.65 -18.62 2.16
N LEU A 210 12.33 -18.19 3.38
CA LEU A 210 12.76 -16.87 3.93
C LEU A 210 13.87 -17.03 4.90
N GLU A 211 14.82 -16.09 4.84
CA GLU A 211 15.90 -15.94 5.81
CA GLU A 211 15.92 -15.95 5.78
C GLU A 211 15.85 -14.55 6.40
N SER A 212 16.55 -14.33 7.51
CA SER A 212 16.51 -13.06 8.16
C SER A 212 17.86 -12.55 8.58
N ARG A 213 17.97 -11.22 8.69
CA ARG A 213 19.16 -10.62 9.20
C ARG A 213 18.75 -9.48 10.06
N GLN A 214 19.37 -9.40 11.24
CA GLN A 214 19.17 -8.30 12.16
C GLN A 214 19.82 -7.01 11.67
N ILE A 215 19.09 -5.89 11.67
CA ILE A 215 19.60 -4.61 11.21
C ILE A 215 19.41 -3.48 12.22
N GLY A 216 18.69 -3.76 13.30
CA GLY A 216 18.65 -2.88 14.40
C GLY A 216 18.09 -3.58 15.60
N PRO A 217 17.89 -2.85 16.71
CA PRO A 217 17.49 -3.52 17.95
C PRO A 217 16.12 -4.08 17.98
N ARG A 218 15.23 -3.65 17.08
CA ARG A 218 13.90 -4.14 17.00
C ARG A 218 13.51 -4.45 15.53
N THR A 219 14.53 -4.73 14.74
CA THR A 219 14.24 -4.95 13.32
C THR A 219 15.13 -6.03 12.72
N LEU A 220 14.47 -6.99 12.12
CA LEU A 220 15.04 -8.00 11.25
C LEU A 220 14.50 -7.69 9.82
N VAL A 221 15.36 -7.90 8.83
CA VAL A 221 14.89 -7.90 7.47
CA VAL A 221 14.90 -7.90 7.43
C VAL A 221 14.77 -9.33 7.02
N TRP A 222 13.70 -9.63 6.28
CA TRP A 222 13.41 -11.01 5.78
C TRP A 222 13.28 -10.94 4.27
N SER A 223 13.85 -11.92 3.59
CA SER A 223 13.66 -12.12 2.21
C SER A 223 14.17 -13.51 1.81
N GLU A 224 14.15 -13.81 0.53
CA GLU A 224 14.87 -15.01 0.10
C GLU A 224 16.36 -14.72 0.27
N LYS A 225 17.16 -15.78 0.42
CA LYS A 225 18.59 -15.62 0.65
CA LYS A 225 18.57 -15.61 0.69
C LYS A 225 19.26 -14.65 -0.28
N GLU A 226 18.90 -14.73 -1.54
CA GLU A 226 19.56 -13.93 -2.55
C GLU A 226 19.48 -12.43 -2.33
N GLN A 227 18.43 -11.95 -1.65
CA GLN A 227 18.23 -10.53 -1.45
C GLN A 227 18.61 -9.99 -0.04
N VAL A 228 18.95 -10.91 0.90
CA VAL A 228 19.15 -10.52 2.26
C VAL A 228 20.25 -9.48 2.42
N GLU A 229 21.45 -9.70 1.86
CA GLU A 229 22.55 -8.76 2.07
CA GLU A 229 22.56 -8.73 2.08
C GLU A 229 22.22 -7.35 1.55
N LYS A 230 21.71 -7.28 0.34
CA LYS A 230 21.38 -6.05 -0.26
C LYS A 230 20.30 -5.35 0.53
N SER A 231 19.33 -6.13 1.01
CA SER A 231 18.21 -5.54 1.82
C SER A 231 18.75 -4.89 3.09
N ALA A 232 19.58 -5.66 3.76
CA ALA A 232 20.09 -5.16 5.04
C ALA A 232 20.75 -3.80 4.91
N TYR A 233 21.57 -3.57 3.85
CA TYR A 233 22.26 -2.30 3.64
C TYR A 233 21.19 -1.28 3.29
N GLU A 234 20.32 -1.65 2.33
CA GLU A 234 19.37 -0.65 1.75
C GLU A 234 18.51 0.01 2.81
N PHE A 235 18.10 -0.77 3.83
CA PHE A 235 17.14 -0.33 4.87
C PHE A 235 17.81 -0.07 6.23
N SER A 236 19.12 0.11 6.20
CA SER A 236 19.85 0.37 7.43
C SER A 236 19.47 1.63 8.23
N GLU A 237 18.82 2.61 7.61
CA GLU A 237 18.30 3.75 8.34
C GLU A 237 17.10 3.46 9.19
N THR A 238 16.55 2.27 9.17
CA THR A 238 15.26 1.96 9.82
C THR A 238 15.22 2.35 11.29
N GLU A 239 16.18 1.93 12.09
CA GLU A 239 16.14 2.27 13.51
C GLU A 239 16.19 3.78 13.74
N SER A 240 17.01 4.50 13.01
CA SER A 240 17.10 5.92 13.11
C SER A 240 15.73 6.58 12.78
N MET A 241 15.07 6.04 11.74
CA MET A 241 13.76 6.55 11.40
C MET A 241 12.73 6.27 12.44
N LEU A 242 12.76 5.07 13.03
CA LEU A 242 11.84 4.73 14.15
C LEU A 242 12.00 5.73 15.33
N LYS A 243 13.24 6.09 15.65
CA LYS A 243 13.49 6.99 16.79
C LYS A 243 12.87 8.36 16.50
N ILE A 244 13.10 8.86 15.28
CA ILE A 244 12.52 10.13 14.92
C ILE A 244 11.00 10.00 14.95
N ALA A 245 10.43 8.93 14.34
CA ALA A 245 8.98 8.79 14.36
C ALA A 245 8.38 8.75 15.74
N GLU A 246 9.08 8.13 16.68
CA GLU A 246 8.62 8.12 18.09
C GLU A 246 8.66 9.51 18.72
N ASP A 247 9.66 10.28 18.35
CA ASP A 247 9.68 11.68 18.74
C ASP A 247 8.48 12.46 18.24
N LEU A 248 8.04 12.17 17.02
CA LEU A 248 6.97 12.98 16.40
C LEU A 248 5.59 12.47 16.85
N GLY A 249 5.45 11.17 16.97
CA GLY A 249 4.14 10.54 17.17
C GLY A 249 3.85 9.95 18.54
N GLY A 250 4.87 9.85 19.41
CA GLY A 250 4.76 9.12 20.67
C GLY A 250 5.25 7.71 20.57
N PRO A 251 5.08 6.90 21.63
CA PRO A 251 5.71 5.63 21.63
C PRO A 251 5.23 4.73 20.52
N TYR A 252 6.19 3.92 20.09
CA TYR A 252 5.93 2.80 19.13
C TYR A 252 5.34 1.68 19.97
N VAL A 253 4.09 1.31 19.72
CA VAL A 253 3.43 0.36 20.64
C VAL A 253 3.47 -1.10 20.18
N TRP A 254 4.07 -1.37 19.02
CA TRP A 254 3.89 -2.63 18.34
C TRP A 254 4.99 -3.67 18.61
N GLY A 255 5.98 -3.37 19.43
CA GLY A 255 7.05 -4.37 19.74
C GLY A 255 8.15 -4.30 18.72
N GLN A 256 7.98 -5.11 17.70
CA GLN A 256 8.97 -5.33 16.67
CA GLN A 256 8.98 -5.27 16.69
C GLN A 256 8.60 -4.44 15.46
N TYR A 257 9.60 -4.06 14.72
CA TYR A 257 9.42 -3.46 13.40
C TYR A 257 10.32 -4.19 12.43
N ASP A 258 9.81 -5.27 11.86
CA ASP A 258 10.54 -6.08 10.90
C ASP A 258 10.14 -5.61 9.49
N LEU A 259 10.98 -5.94 8.54
CA LEU A 259 10.73 -5.69 7.14
C LEU A 259 10.73 -6.95 6.34
N LEU A 260 9.86 -7.09 5.36
CA LEU A 260 9.89 -8.30 4.52
C LEU A 260 9.98 -7.75 3.06
N VAL A 261 10.98 -8.20 2.32
CA VAL A 261 11.15 -7.78 0.94
C VAL A 261 10.54 -8.84 0.06
N LEU A 262 9.44 -8.52 -0.56
CA LEU A 262 8.64 -9.44 -1.33
CA LEU A 262 8.63 -9.43 -1.34
C LEU A 262 9.23 -9.72 -2.71
N PRO A 263 8.65 -10.68 -3.41
CA PRO A 263 9.04 -10.88 -4.84
C PRO A 263 8.61 -9.66 -5.68
N PRO A 264 9.13 -9.51 -6.90
CA PRO A 264 8.97 -8.34 -7.71
C PRO A 264 7.52 -7.98 -8.04
N SER A 265 6.64 -8.98 -7.98
CA SER A 265 5.21 -8.77 -8.29
C SER A 265 4.40 -8.07 -7.18
N PHE A 266 5.05 -7.67 -6.05
CA PHE A 266 4.25 -7.02 -5.01
C PHE A 266 3.70 -5.76 -5.64
N PRO A 267 2.40 -5.49 -5.49
CA PRO A 267 1.80 -4.32 -6.23
C PRO A 267 2.15 -2.91 -5.73
N TYR A 268 2.59 -2.81 -4.51
CA TYR A 268 2.87 -1.52 -3.85
C TYR A 268 4.31 -1.30 -3.57
N GLY A 269 4.64 -0.06 -3.24
CA GLY A 269 5.97 0.28 -2.71
C GLY A 269 6.15 -0.37 -1.35
N GLY A 270 5.12 -0.29 -0.55
CA GLY A 270 5.12 -0.85 0.82
C GLY A 270 3.69 -1.12 1.23
N MET A 271 3.55 -1.96 2.25
CA MET A 271 2.30 -2.16 3.00
C MET A 271 2.65 -2.20 4.47
N GLU A 272 1.96 -1.35 5.22
CA GLU A 272 2.25 -1.14 6.60
C GLU A 272 1.73 -2.21 7.57
N ASN A 273 1.82 -3.48 7.21
CA ASN A 273 1.31 -4.53 8.10
C ASN A 273 2.02 -4.46 9.43
N PRO A 274 1.28 -4.46 10.52
CA PRO A 274 1.85 -4.19 11.85
C PRO A 274 2.85 -5.33 12.21
N CYS A 275 4.00 -4.88 12.70
CA CYS A 275 5.14 -5.74 13.11
C CYS A 275 5.98 -6.19 11.95
N LEU A 276 5.48 -6.08 10.75
CA LEU A 276 6.10 -6.63 9.58
C LEU A 276 5.67 -5.87 8.31
N THR A 277 6.31 -4.75 8.10
CA THR A 277 6.10 -3.95 6.82
C THR A 277 6.57 -4.80 5.67
N PHE A 278 5.76 -4.80 4.62
CA PHE A 278 6.11 -5.41 3.38
C PHE A 278 6.61 -4.39 2.36
N VAL A 279 7.71 -4.63 1.69
CA VAL A 279 8.24 -3.68 0.69
C VAL A 279 8.56 -4.34 -0.65
N THR A 280 8.54 -3.52 -1.71
CA THR A 280 8.97 -3.96 -3.03
C THR A 280 10.47 -4.10 -3.17
N PRO A 281 10.92 -5.13 -3.85
CA PRO A 281 12.36 -5.14 -4.13
C PRO A 281 12.87 -4.12 -5.13
N THR A 282 11.96 -3.32 -5.71
CA THR A 282 12.35 -2.19 -6.50
C THR A 282 12.97 -1.04 -5.68
N LEU A 283 12.94 -1.14 -4.33
CA LEU A 283 13.63 -0.20 -3.45
C LEU A 283 15.12 -0.42 -3.44
N LEU A 284 15.57 -1.56 -3.97
CA LEU A 284 16.97 -1.98 -3.82
C LEU A 284 17.93 -1.32 -4.84
N ALA A 285 18.08 -0.05 -4.66
CA ALA A 285 18.85 0.76 -5.58
C ALA A 285 20.32 0.70 -5.33
N GLY A 286 20.75 0.31 -4.15
CA GLY A 286 22.18 0.14 -3.85
C GLY A 286 22.73 1.34 -3.05
N ASP A 287 21.94 2.38 -2.76
CA ASP A 287 22.42 3.60 -2.17
C ASP A 287 21.48 4.23 -1.11
N LYS A 288 20.46 3.52 -0.68
CA LYS A 288 19.47 3.96 0.32
C LYS A 288 18.60 5.10 -0.20
N SER A 289 18.63 5.40 -1.52
CA SER A 289 17.97 6.64 -2.02
C SER A 289 16.46 6.60 -1.98
N LEU A 290 15.86 5.42 -1.98
CA LEU A 290 14.38 5.23 -1.97
C LEU A 290 13.82 4.94 -0.56
N SER A 291 14.61 5.31 0.47
CA SER A 291 14.27 5.01 1.86
C SER A 291 13.10 5.89 2.39
N ASN A 292 12.64 6.88 1.64
CA ASN A 292 11.42 7.53 2.04
C ASN A 292 10.27 6.55 2.16
N VAL A 293 10.27 5.49 1.35
CA VAL A 293 9.21 4.51 1.43
C VAL A 293 9.20 3.81 2.78
N ILE A 294 10.40 3.53 3.33
CA ILE A 294 10.50 3.04 4.69
C ILE A 294 9.98 4.04 5.72
N ALA A 295 10.31 5.32 5.57
CA ALA A 295 9.88 6.38 6.48
C ALA A 295 8.34 6.46 6.43
N HIS A 296 7.77 6.24 5.24
CA HIS A 296 6.31 6.23 5.10
C HIS A 296 5.71 5.09 5.87
N GLU A 297 6.22 3.86 5.60
CA GLU A 297 5.63 2.76 6.29
C GLU A 297 5.80 2.74 7.80
N ILE A 298 6.93 3.22 8.26
CA ILE A 298 7.14 3.44 9.68
C ILE A 298 6.03 4.36 10.24
N SER A 299 5.81 5.46 9.58
CA SER A 299 4.84 6.45 10.01
C SER A 299 3.46 5.93 10.18
N HIS A 300 3.08 4.97 9.31
CA HIS A 300 1.79 4.34 9.47
C HIS A 300 1.57 3.60 10.77
N SER A 301 2.61 3.31 11.54
CA SER A 301 2.49 2.74 12.89
C SER A 301 1.74 3.70 13.88
N TRP A 302 1.62 4.95 13.45
CA TRP A 302 0.80 5.92 14.11
C TRP A 302 -0.44 6.29 13.32
N THR A 303 -0.21 6.87 12.14
CA THR A 303 -1.30 7.36 11.31
C THR A 303 -1.68 6.22 10.32
N GLY A 304 -2.76 5.57 10.62
CA GLY A 304 -3.38 4.51 9.85
C GLY A 304 -3.56 3.31 10.79
N ASN A 305 -2.46 2.89 11.46
CA ASN A 305 -2.52 1.65 12.26
C ASN A 305 -2.98 1.86 13.67
N LEU A 306 -2.72 3.06 14.22
CA LEU A 306 -3.28 3.49 15.53
C LEU A 306 -4.54 4.30 15.40
N VAL A 307 -4.44 5.38 14.63
CA VAL A 307 -5.66 6.12 14.24
CA VAL A 307 -5.59 6.19 14.20
C VAL A 307 -5.99 5.72 12.82
N THR A 308 -7.18 5.20 12.68
CA THR A 308 -7.60 4.56 11.45
C THR A 308 -8.79 5.23 10.77
N ASN A 309 -8.82 5.27 9.41
CA ASN A 309 -10.01 5.74 8.72
C ASN A 309 -11.20 4.83 9.03
N LYS A 310 -12.36 5.42 9.33
CA LYS A 310 -13.50 4.62 9.71
CA LYS A 310 -13.53 4.65 9.67
C LYS A 310 -14.12 3.94 8.48
N THR A 311 -14.05 4.61 7.35
CA THR A 311 -14.43 3.95 6.09
C THR A 311 -13.36 4.38 5.04
N TRP A 312 -13.34 3.71 3.91
CA TRP A 312 -12.40 3.99 2.82
C TRP A 312 -12.66 5.31 2.13
N ASP A 313 -13.86 5.90 2.34
CA ASP A 313 -14.07 7.24 1.82
C ASP A 313 -13.17 8.34 2.49
N HIS A 314 -12.63 8.04 3.67
CA HIS A 314 -11.77 8.91 4.46
C HIS A 314 -10.30 8.42 4.48
N PHE A 315 -9.94 7.67 3.46
CA PHE A 315 -8.55 7.15 3.23
C PHE A 315 -7.50 8.22 3.26
N TRP A 316 -7.82 9.45 2.80
CA TRP A 316 -6.87 10.50 2.92
C TRP A 316 -6.38 10.75 4.34
N LEU A 317 -7.22 10.48 5.37
CA LEU A 317 -6.75 10.59 6.74
C LEU A 317 -5.48 9.71 6.96
N ASN A 318 -5.58 8.45 6.54
CA ASN A 318 -4.50 7.49 6.67
C ASN A 318 -3.28 8.00 5.93
N GLU A 319 -3.47 8.40 4.70
CA GLU A 319 -2.36 8.63 3.80
C GLU A 319 -1.75 9.99 3.80
N GLY A 320 -2.62 11.05 3.85
CA GLY A 320 -2.09 12.39 3.93
C GLY A 320 -1.24 12.63 5.14
N HIS A 321 -1.67 12.15 6.31
CA HIS A 321 -0.94 12.33 7.54
C HIS A 321 0.39 11.54 7.54
N THR A 322 0.32 10.40 6.94
CA THR A 322 1.54 9.49 6.82
C THR A 322 2.55 10.15 5.91
N VAL A 323 2.14 10.72 4.75
CA VAL A 323 3.05 11.49 3.92
C VAL A 323 3.66 12.68 4.68
N TYR A 324 2.83 13.37 5.47
CA TYR A 324 3.27 14.46 6.29
C TYR A 324 4.38 14.00 7.27
N LEU A 325 4.13 12.91 7.95
CA LEU A 325 5.13 12.39 8.89
C LEU A 325 6.37 11.92 8.15
N GLU A 326 6.15 11.15 7.08
CA GLU A 326 7.26 10.68 6.18
C GLU A 326 8.24 11.80 5.83
N ARG A 327 7.70 12.93 5.37
CA ARG A 327 8.50 14.03 4.92
C ARG A 327 9.20 14.73 6.11
N HIS A 328 8.58 14.68 7.28
CA HIS A 328 9.26 15.20 8.51
C HIS A 328 10.42 14.31 8.91
N ILE A 329 10.28 13.00 8.75
CA ILE A 329 11.37 12.09 9.10
C ILE A 329 12.55 12.38 8.18
N CYS A 330 12.29 12.39 6.86
CA CYS A 330 13.32 12.63 5.89
C CYS A 330 13.90 14.05 6.04
N GLY A 331 13.08 15.02 6.44
CA GLY A 331 13.53 16.36 6.83
C GLY A 331 14.45 16.40 8.04
N ARG A 332 14.15 15.61 9.05
CA ARG A 332 15.04 15.54 10.22
CA ARG A 332 15.03 15.54 10.23
C ARG A 332 16.35 14.92 9.80
N LEU A 333 16.35 13.92 8.97
CA LEU A 333 17.59 13.29 8.58
C LEU A 333 18.48 14.12 7.65
N PHE A 334 17.84 14.76 6.67
CA PHE A 334 18.58 15.40 5.59
C PHE A 334 18.39 16.91 5.47
N GLY A 335 17.50 17.49 6.21
CA GLY A 335 17.33 18.92 6.27
C GLY A 335 16.02 19.43 5.77
N GLU A 336 15.64 20.58 6.28
CA GLU A 336 14.44 21.30 5.90
CA GLU A 336 14.40 21.23 5.91
C GLU A 336 14.31 21.59 4.39
N LYS A 337 15.42 21.99 3.76
CA LYS A 337 15.39 22.26 2.31
C LYS A 337 15.03 20.96 1.56
N PHE A 338 15.48 19.82 2.08
CA PHE A 338 15.12 18.53 1.45
C PHE A 338 13.62 18.23 1.66
N ARG A 339 13.08 18.46 2.87
CA ARG A 339 11.66 18.33 3.10
C ARG A 339 10.90 19.15 2.08
N HIS A 340 11.28 20.42 1.87
CA HIS A 340 10.58 21.24 0.87
C HIS A 340 10.73 20.72 -0.57
N PHE A 341 11.92 20.19 -0.91
CA PHE A 341 12.17 19.56 -2.23
C PHE A 341 11.18 18.43 -2.45
N ASN A 342 11.07 17.52 -1.46
CA ASN A 342 10.12 16.41 -1.58
C ASN A 342 8.65 16.86 -1.60
N ALA A 343 8.29 17.89 -0.82
CA ALA A 343 6.95 18.42 -0.79
C ALA A 343 6.58 18.99 -2.17
N LEU A 344 7.51 19.65 -2.82
CA LEU A 344 7.21 20.36 -4.09
C LEU A 344 7.12 19.26 -5.15
N GLY A 345 7.93 18.21 -5.04
CA GLY A 345 7.85 17.06 -5.97
C GLY A 345 6.48 16.42 -5.88
N GLY A 346 5.99 16.26 -4.65
CA GLY A 346 4.65 15.72 -4.44
C GLY A 346 3.54 16.56 -5.05
N TRP A 347 3.62 17.90 -4.99
CA TRP A 347 2.70 18.74 -5.75
C TRP A 347 2.69 18.46 -7.27
N GLY A 348 3.89 18.22 -7.83
CA GLY A 348 4.12 17.73 -9.19
C GLY A 348 3.35 16.47 -9.46
N GLU A 349 3.46 15.51 -8.54
CA GLU A 349 2.74 14.26 -8.69
C GLU A 349 1.21 14.48 -8.68
N LEU A 350 0.76 15.35 -7.80
CA LEU A 350 -0.65 15.70 -7.71
C LEU A 350 -1.13 16.30 -9.05
N GLN A 351 -0.31 17.20 -9.63
CA GLN A 351 -0.63 17.79 -10.98
C GLN A 351 -0.78 16.69 -11.99
N ASN A 352 0.11 15.73 -11.97
CA ASN A 352 0.07 14.67 -12.95
CA ASN A 352 0.07 14.60 -12.90
C ASN A 352 -1.21 13.79 -12.78
N SER A 353 -1.56 13.45 -11.53
CA SER A 353 -2.77 12.67 -11.22
CA SER A 353 -2.76 12.64 -11.27
C SER A 353 -4.02 13.39 -11.71
N VAL A 354 -4.09 14.69 -11.43
CA VAL A 354 -5.25 15.49 -11.78
C VAL A 354 -5.34 15.61 -13.30
N LYS A 355 -4.24 15.95 -13.97
CA LYS A 355 -4.20 15.89 -15.43
C LYS A 355 -4.65 14.54 -16.00
N THR A 356 -4.20 13.43 -15.41
CA THR A 356 -4.51 12.09 -15.89
CA THR A 356 -4.55 12.12 -15.96
C THR A 356 -6.02 11.78 -15.77
N PHE A 357 -6.56 12.06 -14.60
CA PHE A 357 -7.92 11.74 -14.32
C PHE A 357 -8.86 12.73 -15.00
N GLY A 358 -8.40 13.95 -15.08
CA GLY A 358 -9.16 15.11 -15.51
C GLY A 358 -9.62 15.88 -14.28
N GLU A 359 -9.73 17.18 -14.46
CA GLU A 359 -9.91 18.09 -13.33
C GLU A 359 -11.32 18.04 -12.71
N THR A 360 -12.26 17.40 -13.38
CA THR A 360 -13.59 17.23 -12.83
C THR A 360 -13.86 15.83 -12.25
N HIS A 361 -12.92 14.89 -12.36
CA HIS A 361 -13.13 13.53 -11.97
C HIS A 361 -13.36 13.36 -10.50
N PRO A 362 -14.34 12.52 -10.13
CA PRO A 362 -14.67 12.41 -8.73
C PRO A 362 -13.55 11.74 -7.89
N PHE A 363 -12.60 11.07 -8.56
CA PHE A 363 -11.49 10.40 -7.83
C PHE A 363 -10.37 11.46 -7.58
N THR A 364 -10.55 12.73 -7.97
CA THR A 364 -9.66 13.77 -7.61
C THR A 364 -10.13 14.57 -6.40
N LYS A 365 -11.24 14.19 -5.75
CA LYS A 365 -11.68 14.74 -4.50
C LYS A 365 -10.88 14.13 -3.35
N LEU A 366 -10.73 14.87 -2.29
CA LEU A 366 -10.00 14.38 -1.11
C LEU A 366 -10.83 13.38 -0.34
N VAL A 367 -12.12 13.67 -0.12
CA VAL A 367 -13.06 12.74 0.42
C VAL A 367 -13.89 12.20 -0.78
N VAL A 368 -13.92 10.89 -0.89
CA VAL A 368 -14.50 10.20 -2.05
CA VAL A 368 -14.53 10.28 -2.05
C VAL A 368 -15.77 9.49 -1.63
N ASP A 369 -16.60 9.13 -2.59
CA ASP A 369 -17.73 8.30 -2.32
C ASP A 369 -17.55 7.01 -3.06
N LEU A 370 -17.20 5.92 -2.34
CA LEU A 370 -16.94 4.65 -2.98
C LEU A 370 -18.16 3.72 -3.15
N THR A 371 -19.35 4.30 -3.11
CA THR A 371 -20.57 3.50 -3.36
CA THR A 371 -20.53 3.48 -3.37
C THR A 371 -20.44 2.92 -4.78
N ASP A 372 -20.54 1.62 -4.87
CA ASP A 372 -20.41 0.88 -6.14
C ASP A 372 -19.08 1.05 -6.93
N ILE A 373 -18.00 1.44 -6.25
CA ILE A 373 -16.67 1.57 -6.84
C ILE A 373 -15.72 0.55 -6.16
N ASP A 374 -15.00 -0.20 -6.96
CA ASP A 374 -13.99 -1.12 -6.43
C ASP A 374 -12.84 -0.24 -5.91
N PRO A 375 -12.53 -0.32 -4.60
CA PRO A 375 -11.46 0.50 -4.11
C PRO A 375 -10.15 0.43 -4.94
N ASP A 376 -9.83 -0.74 -5.45
CA ASP A 376 -8.61 -0.89 -6.25
C ASP A 376 -8.59 -0.06 -7.47
N VAL A 377 -9.77 0.17 -8.06
CA VAL A 377 -9.90 0.98 -9.24
CA VAL A 377 -9.93 0.97 -9.24
C VAL A 377 -9.78 2.47 -8.91
N ALA A 378 -10.26 2.87 -7.74
CA ALA A 378 -10.16 4.23 -7.28
C ALA A 378 -8.74 4.64 -6.84
N TYR A 379 -7.95 3.67 -6.42
CA TYR A 379 -6.60 3.91 -5.83
C TYR A 379 -5.74 4.84 -6.68
N SER A 380 -5.13 5.84 -6.06
CA SER A 380 -4.23 6.71 -6.74
C SER A 380 -3.41 7.51 -5.72
N SER A 381 -2.50 8.33 -6.20
CA SER A 381 -1.75 9.24 -5.34
CA SER A 381 -1.76 9.22 -5.34
C SER A 381 -2.51 10.46 -4.89
N VAL A 382 -3.73 10.62 -5.32
CA VAL A 382 -4.48 11.77 -4.89
C VAL A 382 -4.65 11.96 -3.36
N PRO A 383 -5.11 10.93 -2.62
CA PRO A 383 -5.27 11.09 -1.25
C PRO A 383 -3.95 11.39 -0.55
N TYR A 384 -2.88 10.86 -1.08
CA TYR A 384 -1.50 11.07 -0.59
C TYR A 384 -1.11 12.51 -0.69
N GLU A 385 -1.21 13.04 -1.91
CA GLU A 385 -0.62 14.37 -2.20
C GLU A 385 -1.61 15.50 -2.03
N LYS A 386 -2.89 15.31 -2.34
CA LYS A 386 -3.84 16.39 -1.95
C LYS A 386 -3.98 16.46 -0.44
N GLY A 387 -3.90 15.29 0.22
CA GLY A 387 -3.96 15.22 1.64
C GLY A 387 -2.73 15.91 2.24
N PHE A 388 -1.53 15.54 1.77
CA PHE A 388 -0.29 16.22 2.19
C PHE A 388 -0.42 17.72 1.97
N ALA A 389 -0.85 18.11 0.77
CA ALA A 389 -0.94 19.56 0.44
C ALA A 389 -1.81 20.34 1.47
N LEU A 390 -2.95 19.77 1.86
CA LEU A 390 -3.82 20.35 2.83
C LEU A 390 -3.09 20.56 4.16
N LEU A 391 -2.42 19.53 4.64
CA LEU A 391 -1.70 19.64 5.88
C LEU A 391 -0.53 20.62 5.86
N PHE A 392 0.22 20.68 4.78
CA PHE A 392 1.38 21.54 4.55
C PHE A 392 0.84 23.01 4.45
N TYR A 393 -0.25 23.21 3.75
CA TYR A 393 -1.02 24.55 3.80
C TYR A 393 -1.38 24.96 5.18
N LEU A 394 -1.98 24.04 5.92
CA LEU A 394 -2.39 24.28 7.27
C LEU A 394 -1.19 24.59 8.14
N GLU A 395 -0.09 23.78 8.00
CA GLU A 395 1.15 24.08 8.74
C GLU A 395 1.53 25.56 8.58
N GLN A 396 1.54 26.02 7.33
CA GLN A 396 2.05 27.33 7.01
C GLN A 396 1.07 28.37 7.53
N LEU A 397 -0.20 28.09 7.46
CA LEU A 397 -1.21 29.02 7.94
CA LEU A 397 -1.25 29.02 7.96
C LEU A 397 -1.20 29.21 9.49
N LEU A 398 -0.85 28.17 10.25
CA LEU A 398 -1.01 28.15 11.67
C LEU A 398 0.25 28.41 12.48
N GLY A 399 1.35 28.67 11.83
CA GLY A 399 2.58 29.15 12.47
C GLY A 399 3.76 28.23 12.38
N GLY A 400 3.65 27.17 11.58
CA GLY A 400 4.83 26.49 11.11
C GLY A 400 4.93 25.04 11.57
N PRO A 401 6.07 24.38 11.24
CA PRO A 401 6.12 22.92 11.46
C PRO A 401 6.13 22.54 12.90
N GLU A 402 6.84 23.28 13.76
CA GLU A 402 6.85 22.92 15.19
C GLU A 402 5.46 22.91 15.82
N ILE A 403 4.68 23.95 15.48
CA ILE A 403 3.33 24.09 15.95
C ILE A 403 2.46 22.98 15.36
N PHE A 404 2.60 22.80 14.08
CA PHE A 404 1.72 21.80 13.45
C PHE A 404 2.03 20.40 13.99
N LEU A 405 3.31 20.11 14.21
CA LEU A 405 3.69 18.79 14.77
C LEU A 405 3.12 18.57 16.20
N GLY A 406 2.90 19.65 16.94
CA GLY A 406 2.20 19.53 18.21
C GLY A 406 0.77 19.07 18.03
N PHE A 407 0.10 19.60 17.00
CA PHE A 407 -1.22 19.11 16.65
C PHE A 407 -1.19 17.62 16.29
N LEU A 408 -0.24 17.29 15.45
CA LEU A 408 -0.18 15.89 14.97
C LEU A 408 -0.04 14.88 16.11
N LYS A 409 0.86 15.19 17.06
CA LYS A 409 1.05 14.29 18.20
C LYS A 409 -0.21 14.19 19.06
N ALA A 410 -0.86 15.33 19.27
CA ALA A 410 -2.10 15.35 20.00
C ALA A 410 -3.26 14.62 19.36
N TYR A 411 -3.33 14.68 18.05
CA TYR A 411 -4.27 13.97 17.24
C TYR A 411 -4.09 12.45 17.35
N VAL A 412 -2.84 12.04 17.26
CA VAL A 412 -2.51 10.61 17.40
C VAL A 412 -2.90 10.13 18.83
N GLU A 413 -2.59 10.90 19.86
CA GLU A 413 -2.99 10.50 21.22
CA GLU A 413 -2.99 10.60 21.24
C GLU A 413 -4.51 10.42 21.41
N LYS A 414 -5.27 11.38 20.82
CA LYS A 414 -6.67 11.48 20.95
C LYS A 414 -7.38 10.29 20.36
N PHE A 415 -6.94 9.89 19.17
CA PHE A 415 -7.70 8.94 18.45
C PHE A 415 -6.91 7.59 18.36
N SER A 416 -5.96 7.37 19.21
CA SER A 416 -5.27 6.07 19.17
C SER A 416 -6.25 4.93 19.48
N TYR A 417 -6.14 3.82 18.74
CA TYR A 417 -7.00 2.68 18.83
C TYR A 417 -8.43 2.88 18.36
N LYS A 418 -8.70 3.99 17.67
CA LYS A 418 -10.03 4.24 17.17
CA LYS A 418 -10.04 4.34 17.16
C LYS A 418 -10.05 4.44 15.65
N SER A 419 -11.25 4.53 15.09
CA SER A 419 -11.47 4.74 13.70
C SER A 419 -12.34 5.95 13.57
N ILE A 420 -11.92 6.85 12.70
CA ILE A 420 -12.47 8.20 12.62
C ILE A 420 -12.80 8.65 11.24
N THR A 421 -13.61 9.75 11.13
CA THR A 421 -13.93 10.38 9.90
C THR A 421 -13.25 11.73 9.74
N THR A 422 -13.37 12.28 8.57
CA THR A 422 -12.89 13.63 8.24
C THR A 422 -13.50 14.67 9.20
N ASP A 423 -14.78 14.52 9.54
CA ASP A 423 -15.40 15.48 10.47
C ASP A 423 -14.83 15.35 11.88
N ASP A 424 -14.44 14.13 12.32
CA ASP A 424 -13.77 13.93 13.57
C ASP A 424 -12.43 14.67 13.58
N TRP A 425 -11.68 14.52 12.46
CA TRP A 425 -10.40 15.22 12.30
C TRP A 425 -10.56 16.75 12.33
N LYS A 426 -11.49 17.26 11.52
CA LYS A 426 -11.73 18.73 11.43
C LYS A 426 -12.21 19.30 12.80
N ASP A 427 -13.08 18.57 13.51
CA ASP A 427 -13.54 19.05 14.83
C ASP A 427 -12.36 19.16 15.81
N PHE A 428 -11.46 18.11 15.80
CA PHE A 428 -10.31 18.13 16.63
C PHE A 428 -9.30 19.21 16.26
N LEU A 429 -9.14 19.50 14.95
CA LEU A 429 -8.29 20.56 14.45
C LEU A 429 -8.80 21.91 15.03
N TYR A 430 -10.10 22.10 14.93
CA TYR A 430 -10.71 23.39 15.49
C TYR A 430 -10.55 23.45 17.01
N SER A 431 -10.63 22.26 17.67
CA SER A 431 -10.49 22.30 19.12
C SER A 431 -9.07 22.60 19.54
N TYR A 432 -8.12 21.89 18.96
CA TYR A 432 -6.75 22.13 19.25
C TYR A 432 -6.33 23.57 18.99
N PHE A 433 -6.73 24.06 17.84
CA PHE A 433 -6.38 25.40 17.41
C PHE A 433 -7.48 26.42 17.74
N LYS A 434 -7.99 26.31 18.94
CA LYS A 434 -9.18 27.13 19.28
C LYS A 434 -8.77 28.62 19.27
N ASP A 435 -7.52 28.90 19.58
CA ASP A 435 -7.07 30.29 19.53
C ASP A 435 -6.76 30.82 18.13
N LYS A 436 -6.98 30.01 17.06
CA LYS A 436 -6.69 30.41 15.67
C LYS A 436 -7.83 30.06 14.75
N VAL A 437 -9.02 30.04 15.36
CA VAL A 437 -10.23 29.76 14.60
C VAL A 437 -10.44 30.76 13.46
N ASP A 438 -9.99 32.03 13.66
CA ASP A 438 -10.22 33.00 12.62
CA ASP A 438 -10.04 33.13 12.64
C ASP A 438 -9.39 32.65 11.36
N VAL A 439 -8.16 32.12 11.54
CA VAL A 439 -7.31 31.65 10.46
C VAL A 439 -7.96 30.42 9.78
N LEU A 440 -8.43 29.49 10.61
CA LEU A 440 -9.09 28.28 10.11
C LEU A 440 -10.32 28.56 9.30
N ASN A 441 -11.06 29.60 9.67
CA ASN A 441 -12.23 30.00 8.89
C ASN A 441 -11.92 30.65 7.57
N GLN A 442 -10.67 31.03 7.33
CA GLN A 442 -10.23 31.37 5.97
C GLN A 442 -10.06 30.19 5.01
N VAL A 443 -9.98 28.95 5.50
CA VAL A 443 -9.83 27.83 4.60
C VAL A 443 -11.09 27.57 3.84
N ASP A 444 -10.98 27.30 2.56
CA ASP A 444 -12.11 26.92 1.72
C ASP A 444 -12.31 25.37 1.90
N TRP A 445 -12.93 24.97 2.98
CA TRP A 445 -13.01 23.56 3.40
C TRP A 445 -13.79 22.82 2.36
N ASN A 446 -14.89 23.42 1.84
CA ASN A 446 -15.64 22.71 0.80
CA ASN A 446 -15.65 22.66 0.83
C ASN A 446 -14.83 22.33 -0.44
N ALA A 447 -13.96 23.22 -0.90
CA ALA A 447 -13.15 22.98 -2.09
C ALA A 447 -12.07 21.92 -1.74
N TRP A 448 -11.37 22.17 -0.65
CA TRP A 448 -10.24 21.29 -0.25
C TRP A 448 -10.69 19.87 -0.02
N LEU A 449 -11.81 19.67 0.68
CA LEU A 449 -12.25 18.28 1.04
C LEU A 449 -13.15 17.60 0.01
N TYR A 450 -13.97 18.40 -0.69
CA TYR A 450 -15.07 17.88 -1.47
C TYR A 450 -15.12 18.25 -2.94
N SER A 451 -14.28 19.16 -3.43
CA SER A 451 -14.20 19.49 -4.88
C SER A 451 -13.11 18.77 -5.62
N PRO A 452 -13.38 18.38 -6.88
CA PRO A 452 -12.35 17.80 -7.73
C PRO A 452 -11.30 18.82 -8.14
N GLY A 453 -10.26 18.28 -8.76
CA GLY A 453 -9.19 19.09 -9.34
C GLY A 453 -8.07 19.47 -8.36
N LEU A 454 -7.20 20.39 -8.81
CA LEU A 454 -6.16 20.95 -7.94
C LEU A 454 -6.76 21.75 -6.81
N PRO A 455 -6.08 21.84 -5.67
CA PRO A 455 -6.65 22.50 -4.56
C PRO A 455 -6.73 24.00 -4.87
N PRO A 456 -7.47 24.74 -4.06
CA PRO A 456 -7.73 26.16 -4.39
C PRO A 456 -6.58 27.08 -4.01
N ILE A 457 -5.62 26.60 -3.24
CA ILE A 457 -4.44 27.36 -2.93
C ILE A 457 -3.23 26.46 -2.95
N LYS A 458 -2.12 26.93 -3.49
CA LYS A 458 -0.86 26.13 -3.54
C LYS A 458 -0.02 26.60 -2.35
N PRO A 459 0.50 25.66 -1.53
CA PRO A 459 1.44 26.09 -0.51
C PRO A 459 2.72 26.84 -1.03
N ASN A 460 3.50 27.37 -0.11
CA ASN A 460 4.80 27.97 -0.40
C ASN A 460 5.90 26.94 -0.27
N TYR A 461 6.78 26.92 -1.25
CA TYR A 461 7.84 25.92 -1.29
C TYR A 461 9.16 26.57 -1.46
N ASP A 462 10.12 26.25 -0.59
CA ASP A 462 11.54 26.53 -0.84
C ASP A 462 12.00 25.84 -2.16
N MET A 463 12.77 26.56 -2.96
CA MET A 463 13.18 26.13 -4.29
C MET A 463 14.64 25.72 -4.35
N THR A 464 15.40 25.88 -3.24
CA THR A 464 16.84 25.66 -3.28
C THR A 464 17.35 24.44 -4.04
N LEU A 465 16.83 23.26 -3.71
CA LEU A 465 17.33 22.01 -4.31
C LEU A 465 16.60 21.70 -5.63
N THR A 466 15.53 22.42 -5.87
CA THR A 466 14.77 22.21 -7.12
C THR A 466 15.29 22.99 -8.30
N ASN A 467 15.86 24.13 -8.02
CA ASN A 467 16.33 25.05 -9.08
C ASN A 467 17.24 24.41 -10.10
N ALA A 468 18.22 23.59 -9.71
CA ALA A 468 19.16 23.04 -10.67
C ALA A 468 18.46 22.08 -11.62
N CYS A 469 17.48 21.39 -11.05
CA CYS A 469 16.64 20.40 -11.80
C CYS A 469 15.87 21.07 -12.94
N ILE A 470 15.18 22.13 -12.60
CA ILE A 470 14.44 22.98 -13.50
C ILE A 470 15.37 23.58 -14.50
N ALA A 471 16.49 24.15 -14.03
CA ALA A 471 17.34 24.77 -15.01
C ALA A 471 17.78 23.83 -16.10
N LEU A 472 18.24 22.61 -15.76
CA LEU A 472 18.78 21.64 -16.70
C LEU A 472 17.62 21.17 -17.60
N SER A 473 16.46 20.96 -17.00
CA SER A 473 15.26 20.53 -17.78
C SER A 473 14.96 21.59 -18.84
N GLN A 474 14.91 22.85 -18.43
CA GLN A 474 14.66 23.97 -19.38
C GLN A 474 15.73 24.08 -20.41
N ARG A 475 16.98 23.78 -20.10
CA ARG A 475 18.03 23.77 -21.15
C ARG A 475 17.75 22.76 -22.24
N TRP A 476 17.31 21.55 -21.89
CA TRP A 476 17.04 20.47 -22.83
C TRP A 476 15.74 20.87 -23.61
N ILE A 477 14.76 21.42 -22.92
CA ILE A 477 13.46 21.74 -23.58
C ILE A 477 13.59 22.86 -24.63
N THR A 478 14.39 23.84 -24.33
CA THR A 478 14.60 24.97 -25.22
C THR A 478 15.72 24.72 -26.22
N ALA A 479 16.54 23.70 -26.03
CA ALA A 479 17.63 23.40 -26.94
C ALA A 479 17.10 23.08 -28.35
N LYS A 480 17.80 23.65 -29.32
CA LYS A 480 17.64 23.27 -30.73
CA LYS A 480 17.60 23.27 -30.71
C LYS A 480 18.72 22.34 -31.15
N GLU A 481 18.66 21.85 -32.38
CA GLU A 481 19.64 20.91 -32.83
C GLU A 481 21.07 21.38 -32.58
N ASP A 482 21.30 22.63 -32.91
CA ASP A 482 22.64 23.22 -32.85
C ASP A 482 23.14 23.42 -31.44
N ASP A 483 22.26 23.19 -30.46
CA ASP A 483 22.62 23.26 -29.03
C ASP A 483 22.97 21.92 -28.40
N LEU A 484 22.67 20.78 -29.06
CA LEU A 484 22.82 19.46 -28.47
C LEU A 484 24.27 19.14 -28.08
N ASN A 485 25.21 19.71 -28.86
CA ASN A 485 26.64 19.40 -28.62
CA ASN A 485 26.66 19.47 -28.64
C ASN A 485 27.13 19.97 -27.28
N SER A 486 26.45 20.97 -26.77
CA SER A 486 26.78 21.62 -25.54
C SER A 486 26.57 20.77 -24.31
N PHE A 487 25.71 19.80 -24.40
CA PHE A 487 25.44 18.93 -23.24
C PHE A 487 26.56 17.90 -23.07
N ASN A 488 26.77 17.53 -21.81
CA ASN A 488 27.91 16.69 -21.41
CA ASN A 488 27.78 16.54 -21.51
C ASN A 488 27.64 16.04 -20.08
N ALA A 489 28.25 14.90 -19.83
CA ALA A 489 28.18 14.23 -18.50
C ALA A 489 28.45 15.14 -17.32
N THR A 490 29.27 16.18 -17.51
CA THR A 490 29.51 17.13 -16.39
C THR A 490 28.25 17.88 -15.92
N ASP A 491 27.20 17.93 -16.78
CA ASP A 491 26.01 18.58 -16.34
C ASP A 491 25.41 17.97 -15.06
N LEU A 492 25.69 16.71 -14.81
CA LEU A 492 25.06 15.99 -13.71
C LEU A 492 25.96 15.93 -12.48
N LYS A 493 27.16 16.46 -12.56
CA LYS A 493 28.11 16.20 -11.45
C LYS A 493 27.63 16.68 -10.11
N ASP A 494 26.85 17.73 -10.05
CA ASP A 494 26.43 18.20 -8.73
C ASP A 494 24.96 17.84 -8.37
N LEU A 495 24.40 16.91 -9.09
CA LEU A 495 23.02 16.53 -8.83
C LEU A 495 23.04 15.26 -8.02
N SER A 496 22.22 15.19 -6.98
CA SER A 496 21.99 13.97 -6.26
C SER A 496 21.13 13.02 -7.09
N SER A 497 20.97 11.85 -6.59
CA SER A 497 20.07 10.90 -7.31
CA SER A 497 20.06 10.89 -7.28
C SER A 497 18.61 11.43 -7.27
N HIS A 498 18.21 12.07 -6.20
CA HIS A 498 16.85 12.64 -6.05
C HIS A 498 16.69 13.83 -7.05
N GLN A 499 17.76 14.60 -7.22
CA GLN A 499 17.76 15.64 -8.24
C GLN A 499 17.74 15.16 -9.65
N LEU A 500 18.44 14.05 -9.94
CA LEU A 500 18.38 13.54 -11.25
CA LEU A 500 18.36 13.51 -11.27
C LEU A 500 16.95 13.06 -11.53
N ASN A 501 16.35 12.40 -10.56
CA ASN A 501 14.95 11.93 -10.72
C ASN A 501 14.04 13.10 -10.97
N GLU A 502 14.24 14.21 -10.25
CA GLU A 502 13.40 15.35 -10.49
C GLU A 502 13.64 16.10 -11.82
N PHE A 503 14.88 16.13 -12.27
CA PHE A 503 15.19 16.61 -13.62
C PHE A 503 14.32 15.79 -14.64
N LEU A 504 14.36 14.48 -14.50
CA LEU A 504 13.59 13.62 -15.43
C LEU A 504 12.11 13.88 -15.25
N ALA A 505 11.61 14.11 -14.05
CA ALA A 505 10.17 14.32 -13.83
C ALA A 505 9.76 15.61 -14.48
N GLN A 506 10.59 16.65 -14.30
CA GLN A 506 10.29 17.93 -14.96
C GLN A 506 10.21 17.80 -16.48
N THR A 507 11.15 17.08 -17.03
CA THR A 507 11.25 16.92 -18.49
C THR A 507 10.14 16.02 -19.03
N LEU A 508 9.79 14.96 -18.25
CA LEU A 508 8.70 14.06 -18.63
C LEU A 508 7.38 14.85 -18.67
N GLN A 509 7.19 15.84 -17.82
CA GLN A 509 5.98 16.67 -17.87
CA GLN A 509 5.99 16.67 -17.85
C GLN A 509 5.80 17.43 -19.20
N ARG A 510 6.88 17.66 -19.92
CA ARG A 510 6.90 18.35 -21.20
C ARG A 510 7.04 17.37 -22.39
N ALA A 511 6.96 16.06 -22.14
CA ALA A 511 7.17 15.06 -23.16
C ALA A 511 5.98 15.04 -24.18
N PRO A 512 6.27 14.71 -25.44
CA PRO A 512 7.55 14.30 -26.01
C PRO A 512 8.54 15.40 -26.21
N LEU A 513 9.82 15.01 -26.19
CA LEU A 513 10.89 15.77 -26.76
C LEU A 513 11.31 15.22 -28.13
N PRO A 514 12.09 16.01 -28.95
CA PRO A 514 12.49 15.49 -30.22
C PRO A 514 13.34 14.27 -30.03
N LEU A 515 13.18 13.33 -30.93
CA LEU A 515 13.95 12.12 -30.85
C LEU A 515 15.47 12.32 -30.84
N GLY A 516 15.98 13.34 -31.51
CA GLY A 516 17.45 13.59 -31.42
C GLY A 516 17.89 14.06 -30.05
N HIS A 517 17.01 14.79 -29.36
CA HIS A 517 17.27 15.22 -28.00
C HIS A 517 17.40 14.00 -27.12
N ILE A 518 16.42 13.05 -27.21
CA ILE A 518 16.44 11.88 -26.38
C ILE A 518 17.68 10.97 -26.64
N LYS A 519 18.03 10.86 -27.93
CA LYS A 519 19.27 10.10 -28.31
C LYS A 519 20.49 10.79 -27.70
N ARG A 520 20.55 12.10 -27.77
CA ARG A 520 21.72 12.82 -27.26
C ARG A 520 21.77 12.60 -25.75
N MET A 521 20.64 12.64 -25.06
CA MET A 521 20.62 12.44 -23.60
CA MET A 521 20.61 12.41 -23.60
C MET A 521 21.22 11.07 -23.23
N GLN A 522 20.95 10.01 -23.98
CA GLN A 522 21.54 8.71 -23.69
C GLN A 522 23.05 8.79 -23.98
N GLU A 523 23.40 9.47 -25.04
CA GLU A 523 24.83 9.51 -25.50
CA GLU A 523 24.82 9.48 -25.42
C GLU A 523 25.66 10.17 -24.36
N VAL A 524 25.19 11.23 -23.79
CA VAL A 524 25.97 11.97 -22.84
C VAL A 524 25.80 11.55 -21.38
N TYR A 525 24.61 11.10 -21.03
CA TYR A 525 24.31 10.79 -19.61
C TYR A 525 24.25 9.29 -19.32
N ASN A 526 24.09 8.45 -20.35
CA ASN A 526 23.93 6.99 -20.22
C ASN A 526 22.94 6.62 -19.17
N PHE A 527 21.78 7.26 -19.26
CA PHE A 527 20.67 6.84 -18.40
C PHE A 527 20.29 5.32 -18.53
N ASN A 528 20.47 4.68 -19.71
CA ASN A 528 20.27 3.24 -19.85
C ASN A 528 20.99 2.37 -18.81
N ALA A 529 22.07 2.87 -18.24
CA ALA A 529 22.82 2.17 -17.26
C ALA A 529 22.32 2.30 -15.83
N ILE A 530 21.34 3.18 -15.58
CA ILE A 530 21.00 3.47 -14.20
C ILE A 530 19.92 2.42 -13.81
N ASN A 531 20.12 1.76 -12.66
CA ASN A 531 19.13 0.74 -12.25
CA ASN A 531 19.17 0.74 -12.21
C ASN A 531 18.21 1.23 -11.13
N ASN A 532 18.42 2.42 -10.63
CA ASN A 532 17.49 3.02 -9.71
C ASN A 532 16.09 2.96 -10.34
N SER A 533 15.09 2.36 -9.68
CA SER A 533 13.82 2.07 -10.34
CA SER A 533 13.82 2.11 -10.37
C SER A 533 13.02 3.36 -10.69
N GLU A 534 13.08 4.35 -9.84
CA GLU A 534 12.36 5.58 -10.04
C GLU A 534 12.94 6.33 -11.25
N ILE A 535 14.28 6.45 -11.26
CA ILE A 535 14.95 7.11 -12.34
C ILE A 535 14.71 6.36 -13.66
N ARG A 536 14.87 5.03 -13.62
CA ARG A 536 14.69 4.29 -14.84
C ARG A 536 13.29 4.33 -15.39
N PHE A 537 12.31 4.29 -14.51
CA PHE A 537 10.90 4.39 -14.88
C PHE A 537 10.63 5.66 -15.64
N ARG A 538 11.09 6.78 -15.08
CA ARG A 538 10.86 8.06 -15.71
C ARG A 538 11.58 8.20 -17.10
N TRP A 539 12.83 7.78 -17.13
CA TRP A 539 13.66 7.83 -18.30
C TRP A 539 12.96 7.01 -19.39
N LEU A 540 12.50 5.80 -19.06
CA LEU A 540 11.88 4.94 -20.06
C LEU A 540 10.51 5.44 -20.55
N ARG A 541 9.75 6.07 -19.67
CA ARG A 541 8.54 6.81 -20.08
C ARG A 541 8.87 7.93 -21.05
N LEU A 542 9.91 8.72 -20.72
CA LEU A 542 10.36 9.75 -21.59
C LEU A 542 10.70 9.26 -22.98
N CYS A 543 11.46 8.16 -23.00
CA CYS A 543 11.87 7.53 -24.27
C CYS A 543 10.72 7.00 -25.08
N ILE A 544 9.79 6.30 -24.46
CA ILE A 544 8.61 5.79 -25.18
C ILE A 544 7.67 6.89 -25.66
N GLN A 545 7.37 7.87 -24.81
CA GLN A 545 6.53 8.98 -25.26
C GLN A 545 7.16 9.78 -26.37
N SER A 546 8.50 9.82 -26.41
CA SER A 546 9.25 10.51 -27.45
C SER A 546 9.51 9.61 -28.67
N LYS A 547 8.91 8.41 -28.62
CA LYS A 547 8.84 7.50 -29.74
C LYS A 547 10.22 6.92 -30.19
N TRP A 548 11.08 6.65 -29.24
CA TRP A 548 12.30 5.97 -29.51
C TRP A 548 12.09 4.49 -29.48
N GLU A 549 12.18 3.84 -30.66
CA GLU A 549 11.94 2.41 -30.78
C GLU A 549 12.92 1.56 -30.04
N ASP A 550 14.16 2.07 -29.83
CA ASP A 550 15.18 1.31 -29.11
CA ASP A 550 15.19 1.30 -29.12
C ASP A 550 14.73 1.05 -27.68
N ALA A 551 13.91 1.95 -27.12
CA ALA A 551 13.49 1.82 -25.70
C ALA A 551 12.42 0.79 -25.51
N ILE A 552 11.74 0.35 -26.59
CA ILE A 552 10.65 -0.59 -26.47
C ILE A 552 11.02 -1.85 -25.67
N PRO A 553 12.06 -2.61 -26.06
CA PRO A 553 12.31 -3.79 -25.24
C PRO A 553 12.72 -3.50 -23.78
N LEU A 554 13.46 -2.42 -23.59
CA LEU A 554 13.76 -1.94 -22.18
C LEU A 554 12.48 -1.69 -21.31
N ALA A 555 11.49 -1.03 -21.89
CA ALA A 555 10.28 -0.69 -21.17
C ALA A 555 9.42 -1.96 -20.99
N LEU A 556 9.38 -2.83 -22.00
CA LEU A 556 8.61 -4.06 -21.85
C LEU A 556 9.21 -4.92 -20.76
N LYS A 557 10.52 -5.00 -20.74
CA LYS A 557 11.24 -5.72 -19.71
CA LYS A 557 11.23 -5.73 -19.72
C LYS A 557 10.93 -5.16 -18.33
N MET A 558 11.07 -3.86 -18.15
CA MET A 558 10.82 -3.30 -16.81
C MET A 558 9.35 -3.48 -16.39
N ALA A 559 8.43 -3.39 -17.33
CA ALA A 559 6.98 -3.56 -17.06
C ALA A 559 6.61 -4.97 -16.53
N THR A 560 7.30 -5.97 -17.06
CA THR A 560 7.06 -7.38 -16.77
C THR A 560 7.94 -8.05 -15.80
N GLU A 561 9.17 -7.55 -15.58
CA GLU A 561 10.05 -8.19 -14.65
CA GLU A 561 10.13 -8.12 -14.64
C GLU A 561 9.82 -7.75 -13.19
N GLN A 562 9.04 -6.71 -12.99
CA GLN A 562 8.51 -6.33 -11.71
C GLN A 562 7.08 -5.91 -11.93
N GLY A 563 6.30 -5.84 -10.85
CA GLY A 563 4.89 -5.57 -10.83
C GLY A 563 4.40 -4.46 -9.97
N ARG A 564 5.30 -3.60 -9.48
CA ARG A 564 4.81 -2.48 -8.72
C ARG A 564 3.90 -1.61 -9.59
N MET A 565 2.67 -1.37 -9.15
CA MET A 565 1.63 -0.79 -10.02
C MET A 565 2.03 0.62 -10.51
N LYS A 566 2.77 1.37 -9.70
CA LYS A 566 3.24 2.68 -10.05
C LYS A 566 4.14 2.72 -11.26
N PHE A 567 4.84 1.62 -11.52
CA PHE A 567 5.71 1.50 -12.64
C PHE A 567 5.01 0.69 -13.77
N THR A 568 4.48 -0.46 -13.43
CA THR A 568 3.90 -1.40 -14.45
C THR A 568 2.75 -0.73 -15.18
N ARG A 569 1.84 -0.09 -14.46
CA ARG A 569 0.64 0.48 -15.13
C ARG A 569 0.97 1.55 -16.14
N PRO A 570 1.75 2.57 -15.79
CA PRO A 570 2.06 3.60 -16.79
C PRO A 570 3.02 3.13 -17.90
N LEU A 571 3.90 2.16 -17.60
CA LEU A 571 4.75 1.61 -18.70
C LEU A 571 3.88 0.89 -19.72
N PHE A 572 2.99 0.05 -19.24
CA PHE A 572 2.08 -0.60 -20.21
C PHE A 572 1.22 0.43 -20.94
N LYS A 573 0.71 1.45 -20.28
CA LYS A 573 -0.17 2.41 -20.97
CA LYS A 573 -0.16 2.45 -20.93
C LYS A 573 0.66 3.22 -22.00
N ASP A 574 1.87 3.64 -21.65
CA ASP A 574 2.71 4.32 -22.61
C ASP A 574 3.05 3.41 -23.87
N LEU A 575 3.36 2.18 -23.61
CA LEU A 575 3.70 1.21 -24.66
C LEU A 575 2.45 0.95 -25.52
N ALA A 576 1.28 0.88 -24.92
CA ALA A 576 0.02 0.77 -25.74
C ALA A 576 -0.26 2.00 -26.58
N ALA A 577 0.16 3.18 -26.13
CA ALA A 577 -0.12 4.45 -26.82
C ALA A 577 0.88 4.68 -27.95
N PHE A 578 1.98 3.94 -28.02
CA PHE A 578 3.00 4.15 -29.05
C PHE A 578 2.66 3.11 -30.13
N ASP A 579 2.28 3.56 -31.34
CA ASP A 579 1.89 2.55 -32.32
C ASP A 579 2.91 1.45 -32.56
N LYS A 580 4.22 1.74 -32.53
CA LYS A 580 5.23 0.76 -32.83
C LYS A 580 5.31 -0.36 -31.80
N SER A 581 4.83 -0.07 -30.57
CA SER A 581 4.84 -1.07 -29.49
C SER A 581 3.48 -1.59 -29.06
N HIS A 582 2.38 -1.04 -29.61
CA HIS A 582 1.03 -1.32 -29.19
C HIS A 582 0.74 -2.83 -29.21
N ASP A 583 1.00 -3.51 -30.32
CA ASP A 583 0.62 -4.95 -30.34
C ASP A 583 1.48 -5.80 -29.42
N GLN A 584 2.76 -5.48 -29.32
CA GLN A 584 3.67 -6.17 -28.37
C GLN A 584 3.22 -5.96 -26.89
N ALA A 585 2.81 -4.75 -26.56
CA ALA A 585 2.30 -4.52 -25.19
C ALA A 585 1.10 -5.37 -24.82
N VAL A 586 0.09 -5.44 -25.73
CA VAL A 586 -1.09 -6.27 -25.49
C VAL A 586 -0.71 -7.71 -25.42
N ARG A 587 0.12 -8.15 -26.35
CA ARG A 587 0.48 -9.58 -26.35
C ARG A 587 1.30 -9.97 -25.14
N THR A 588 2.21 -9.11 -24.72
CA THR A 588 3.02 -9.38 -23.52
C THR A 588 2.14 -9.47 -22.29
N TYR A 589 1.17 -8.59 -22.19
CA TYR A 589 0.24 -8.61 -21.11
C TYR A 589 -0.51 -9.96 -21.13
N GLN A 590 -1.01 -10.35 -22.29
CA GLN A 590 -1.76 -11.62 -22.39
CA GLN A 590 -1.78 -11.60 -22.35
C GLN A 590 -0.92 -12.79 -21.95
N GLU A 591 0.33 -12.84 -22.37
CA GLU A 591 1.21 -13.93 -22.02
CA GLU A 591 1.26 -13.92 -22.02
C GLU A 591 1.56 -13.99 -20.54
N HIS A 592 1.61 -12.84 -19.88
CA HIS A 592 2.03 -12.77 -18.50
C HIS A 592 0.89 -12.73 -17.52
N LYS A 593 -0.33 -12.50 -17.96
CA LYS A 593 -1.47 -12.24 -17.12
CA LYS A 593 -1.38 -12.18 -17.02
C LYS A 593 -1.70 -13.30 -16.03
N ALA A 594 -1.60 -14.57 -16.42
CA ALA A 594 -1.93 -15.65 -15.49
C ALA A 594 -0.92 -15.73 -14.37
N SER A 595 0.26 -15.14 -14.53
CA SER A 595 1.28 -15.25 -13.55
C SER A 595 1.56 -13.90 -12.81
N MET A 596 0.73 -12.90 -13.11
CA MET A 596 0.70 -11.63 -12.40
C MET A 596 -0.10 -11.72 -11.10
N HIS A 597 0.16 -10.73 -10.23
CA HIS A 597 -0.68 -10.52 -9.08
C HIS A 597 -2.13 -10.26 -9.58
N PRO A 598 -3.14 -10.80 -8.89
CA PRO A 598 -4.53 -10.69 -9.42
C PRO A 598 -5.05 -9.24 -9.51
N VAL A 599 -4.64 -8.37 -8.59
CA VAL A 599 -5.10 -7.00 -8.67
C VAL A 599 -4.45 -6.31 -9.84
N THR A 600 -3.14 -6.43 -9.97
CA THR A 600 -2.40 -5.76 -11.01
C THR A 600 -2.92 -6.28 -12.36
N ALA A 601 -3.11 -7.57 -12.43
CA ALA A 601 -3.62 -8.10 -13.69
C ALA A 601 -4.92 -7.51 -14.09
N MET A 602 -5.84 -7.38 -13.16
CA MET A 602 -7.12 -6.75 -13.42
C MET A 602 -7.01 -5.31 -13.89
N LEU A 603 -6.14 -4.55 -13.23
CA LEU A 603 -5.98 -3.19 -13.53
C LEU A 603 -5.31 -2.91 -14.85
N VAL A 604 -4.25 -3.64 -15.16
CA VAL A 604 -3.53 -3.46 -16.44
C VAL A 604 -4.53 -3.86 -17.56
N GLY A 605 -5.36 -4.86 -17.29
CA GLY A 605 -6.33 -5.30 -18.35
C GLY A 605 -7.32 -4.19 -18.62
N LYS A 606 -7.83 -3.56 -17.56
CA LYS A 606 -8.65 -2.38 -17.68
C LYS A 606 -7.98 -1.21 -18.46
N ASP A 607 -6.73 -0.94 -18.10
CA ASP A 607 -5.93 0.10 -18.71
C ASP A 607 -5.76 -0.13 -20.21
N LEU A 608 -5.56 -1.35 -20.61
CA LEU A 608 -5.28 -1.72 -22.00
C LEU A 608 -6.60 -2.04 -22.81
N LYS A 609 -7.72 -2.07 -22.13
CA LYS A 609 -9.03 -2.58 -22.66
C LYS A 609 -8.92 -3.95 -23.23
N VAL A 610 -8.38 -4.82 -22.44
CA VAL A 610 -8.09 -6.15 -22.82
C VAL A 610 -8.81 -7.04 -21.79
N ASP A 611 -9.60 -8.00 -22.32
CA ASP A 611 -10.54 -8.97 -21.63
C ASP A 611 -11.93 -8.41 -21.31
#